data_3H66
#
_entry.id   3H66
#
_cell.length_a   154.251
_cell.length_b   41.684
_cell.length_c   106.092
_cell.angle_alpha   90.00
_cell.angle_beta   96.46
_cell.angle_gamma   90.00
#
_symmetry.space_group_name_H-M   'C 1 2 1'
#
loop_
_entity.id
_entity.type
_entity.pdbx_description
1 polymer 'Serine/threonine-protein phosphatase 5'
2 non-polymer 'ZINC ION'
3 water water
#
_entity_poly.entity_id   1
_entity_poly.type   'polypeptide(L)'
_entity_poly.pdbx_seq_one_letter_code
;YSGPKLEDGKVTISFMKELMQWYKDQKKLHRKCAYQILVQVKEVLSKLSTLVETTLKETEKITVCGDTHGQFYDLLNIFE
LNGLPSETNPYIFNGDFVDRGSFSVEVILTLFGFKLLYPDHFHLLRGNHETDNMNQIYGFEGEVKAKYTAQMYELFSEVF
EWLPLAQCINGKVLIMHGGLFSEDGVTLDDIRKIERNRQPPDSGPMCDLLWSDPQPQNGRSISKRGVSCQFGPDVTKAFL
EENNLDYIIRSHEVKAEGYEVAHGGRCVTVFSAPNYCDQMGNKASYIHLQGSDLRPQFHQFTAVPHPNVKPMAYA
;
_entity_poly.pdbx_strand_id   A,B
#
# COMPACT_ATOMS: atom_id res chain seq x y z
N TYR A 1 -2.00 32.03 -25.90
CA TYR A 1 -2.84 30.75 -26.00
C TYR A 1 -3.29 30.10 -27.48
N SER A 2 -2.47 29.15 -27.92
CA SER A 2 -2.42 28.59 -29.25
C SER A 2 -2.92 27.16 -29.05
N GLY A 3 -3.29 26.90 -27.77
CA GLY A 3 -3.86 25.61 -27.32
C GLY A 3 -5.16 25.28 -27.99
N PRO A 4 -5.79 24.14 -27.66
CA PRO A 4 -6.96 23.60 -28.39
C PRO A 4 -8.20 24.36 -27.97
N LYS A 5 -9.24 24.36 -28.81
CA LYS A 5 -10.36 25.40 -28.62
C LYS A 5 -11.63 24.89 -29.12
N LEU A 6 -12.74 25.16 -28.47
CA LEU A 6 -13.95 24.61 -28.96
C LEU A 6 -14.41 25.32 -30.16
N GLU A 7 -14.76 24.56 -31.20
CA GLU A 7 -15.54 25.10 -32.31
C GLU A 7 -17.03 25.39 -32.04
N ASP A 8 -17.37 26.64 -31.74
CA ASP A 8 -18.78 27.07 -31.64
C ASP A 8 -19.37 26.66 -30.28
N GLY A 9 -18.50 26.90 -29.28
CA GLY A 9 -18.44 26.26 -27.96
C GLY A 9 -18.91 24.84 -27.76
N LYS A 10 -18.33 23.85 -28.38
CA LYS A 10 -19.02 22.62 -28.44
C LYS A 10 -17.86 21.77 -28.93
N VAL A 11 -17.70 20.57 -28.39
CA VAL A 11 -16.56 19.71 -28.58
C VAL A 11 -16.70 19.10 -29.87
N THR A 12 -15.53 18.82 -30.43
CA THR A 12 -15.48 18.07 -31.69
C THR A 12 -14.33 17.07 -31.70
N ILE A 13 -14.53 16.10 -32.55
CA ILE A 13 -13.47 15.15 -32.77
C ILE A 13 -12.03 15.72 -33.05
N SER A 14 -11.87 16.92 -33.52
CA SER A 14 -10.52 17.32 -33.78
C SER A 14 -10.01 18.18 -32.64
N PHE A 15 -10.92 18.82 -31.92
CA PHE A 15 -10.59 19.35 -30.63
C PHE A 15 -10.03 18.19 -29.74
N MET A 16 -10.64 17.01 -29.85
CA MET A 16 -10.26 15.97 -28.98
C MET A 16 -8.87 15.48 -29.34
N LYS A 17 -8.61 15.28 -30.65
CA LYS A 17 -7.26 14.86 -31.13
C LYS A 17 -6.42 16.04 -30.65
N GLU A 18 -7.04 17.19 -30.53
CA GLU A 18 -6.12 18.13 -30.28
C GLU A 18 -5.77 18.09 -28.78
N LEU A 19 -6.83 17.89 -27.95
CA LEU A 19 -6.65 17.89 -26.47
C LEU A 19 -5.66 16.77 -26.11
N MET A 20 -5.81 15.63 -26.77
CA MET A 20 -4.92 14.53 -26.53
C MET A 20 -3.48 14.84 -26.85
N GLN A 21 -3.22 15.43 -28.03
CA GLN A 21 -1.87 15.89 -28.31
C GLN A 21 -1.42 16.91 -27.21
N TRP A 22 -2.11 18.00 -27.00
CA TRP A 22 -1.77 18.93 -26.03
C TRP A 22 -1.46 18.28 -24.68
N TYR A 23 -2.22 17.22 -24.35
CA TYR A 23 -2.09 16.69 -23.00
C TYR A 23 -0.90 15.75 -23.05
N LYS A 24 -0.66 15.13 -24.24
CA LYS A 24 0.49 14.26 -24.28
C LYS A 24 1.60 15.19 -23.97
N ASP A 25 1.58 16.39 -24.54
CA ASP A 25 2.74 17.19 -24.31
C ASP A 25 2.69 17.98 -23.07
N GLN A 26 2.01 17.53 -22.03
CA GLN A 26 2.02 18.19 -20.65
C GLN A 26 1.59 19.64 -20.57
N LYS A 27 1.02 20.19 -21.62
CA LYS A 27 0.39 21.53 -21.56
C LYS A 27 -1.02 21.61 -20.90
N LYS A 28 -1.55 22.79 -20.56
CA LYS A 28 -2.91 22.85 -19.99
C LYS A 28 -4.03 23.39 -20.82
N LEU A 29 -5.17 22.79 -20.61
CA LEU A 29 -6.31 23.24 -21.50
C LEU A 29 -6.72 24.58 -20.88
N HIS A 30 -7.40 25.47 -21.59
CA HIS A 30 -7.45 26.84 -21.06
C HIS A 30 -8.52 26.72 -20.05
N ARG A 31 -8.51 27.50 -18.95
CA ARG A 31 -9.67 27.48 -18.08
C ARG A 31 -10.99 27.57 -18.74
N LYS A 32 -11.22 28.26 -19.78
CA LYS A 32 -12.61 28.54 -20.09
C LYS A 32 -13.05 27.30 -20.93
N CYS A 33 -12.08 26.64 -21.60
CA CYS A 33 -12.49 25.41 -22.24
C CYS A 33 -12.87 24.50 -21.06
N ALA A 34 -11.92 24.31 -20.11
CA ALA A 34 -12.12 23.42 -18.97
C ALA A 34 -13.51 23.69 -18.49
N TYR A 35 -13.75 24.87 -18.01
CA TYR A 35 -15.09 25.39 -17.62
C TYR A 35 -16.27 25.08 -18.57
N GLN A 36 -16.21 25.44 -19.82
CA GLN A 36 -17.30 25.02 -20.77
C GLN A 36 -17.66 23.53 -20.80
N ILE A 37 -16.69 22.63 -20.87
CA ILE A 37 -16.98 21.24 -21.00
C ILE A 37 -17.60 20.80 -19.65
N LEU A 38 -16.90 21.05 -18.54
CA LEU A 38 -17.54 20.80 -17.25
C LEU A 38 -19.04 21.32 -17.21
N VAL A 39 -19.36 22.56 -17.54
CA VAL A 39 -20.82 22.84 -17.58
C VAL A 39 -21.65 22.16 -18.58
N GLN A 40 -21.00 21.66 -19.59
CA GLN A 40 -21.85 21.14 -20.57
C GLN A 40 -22.22 19.76 -20.11
N VAL A 41 -21.25 19.05 -19.49
CA VAL A 41 -21.46 17.71 -19.27
C VAL A 41 -22.42 17.66 -17.98
N LYS A 42 -22.12 18.44 -16.91
CA LYS A 42 -23.16 18.62 -15.86
C LYS A 42 -24.56 18.57 -16.44
N GLU A 43 -24.75 19.17 -17.58
CA GLU A 43 -26.00 19.16 -18.20
C GLU A 43 -26.47 17.89 -18.78
N VAL A 44 -25.66 17.35 -19.65
CA VAL A 44 -25.85 16.05 -20.24
C VAL A 44 -26.05 15.04 -19.11
N LEU A 45 -25.06 14.78 -18.25
CA LEU A 45 -25.13 13.74 -17.26
C LEU A 45 -26.38 13.86 -16.45
N SER A 46 -26.79 15.11 -16.23
CA SER A 46 -27.71 15.38 -15.11
C SER A 46 -29.11 15.08 -15.43
N LYS A 47 -29.44 14.94 -16.70
CA LYS A 47 -30.70 14.36 -17.02
C LYS A 47 -30.52 12.87 -17.26
N LEU A 48 -29.46 12.29 -16.72
CA LEU A 48 -29.45 10.91 -16.92
C LEU A 48 -30.03 10.08 -15.78
N SER A 49 -30.76 9.03 -16.16
CA SER A 49 -31.16 8.10 -15.11
C SER A 49 -30.03 7.65 -14.22
N THR A 50 -30.27 7.40 -12.96
CA THR A 50 -29.31 6.85 -12.18
C THR A 50 -28.89 5.51 -12.76
N LEU A 51 -29.78 4.79 -13.41
CA LEU A 51 -29.43 3.44 -13.92
C LEU A 51 -29.60 3.57 -15.37
N VAL A 52 -28.48 3.43 -16.09
CA VAL A 52 -28.33 3.65 -17.47
C VAL A 52 -28.81 2.37 -18.26
N GLU A 53 -29.74 2.40 -19.20
CA GLU A 53 -30.12 1.15 -19.82
C GLU A 53 -29.89 1.03 -21.26
N THR A 54 -29.00 0.18 -21.71
CA THR A 54 -28.46 0.26 -23.09
C THR A 54 -28.59 -1.09 -23.73
N THR A 55 -28.62 -1.15 -25.07
CA THR A 55 -29.13 -2.24 -25.80
C THR A 55 -28.14 -2.51 -26.83
N LEU A 56 -27.44 -3.66 -26.93
CA LEU A 56 -26.39 -3.75 -27.94
C LEU A 56 -27.16 -4.52 -29.07
N LYS A 57 -27.37 -4.01 -30.28
CA LYS A 57 -28.07 -4.87 -31.21
C LYS A 57 -27.12 -5.98 -31.70
N GLU A 58 -27.69 -6.98 -32.36
CA GLU A 58 -26.89 -8.12 -32.71
C GLU A 58 -25.45 -7.93 -33.13
N THR A 59 -25.16 -6.91 -33.94
CA THR A 59 -23.84 -6.78 -34.53
C THR A 59 -22.91 -5.70 -33.96
N GLU A 60 -23.42 -4.78 -33.06
CA GLU A 60 -22.63 -3.91 -32.27
C GLU A 60 -21.75 -4.67 -31.26
N LYS A 61 -20.70 -4.07 -30.75
CA LYS A 61 -19.87 -4.51 -29.63
C LYS A 61 -19.67 -3.18 -28.84
N ILE A 62 -19.29 -3.25 -27.53
CA ILE A 62 -18.98 -2.13 -26.58
C ILE A 62 -17.86 -2.64 -25.70
N THR A 63 -16.88 -1.79 -25.42
CA THR A 63 -15.74 -2.01 -24.53
C THR A 63 -16.00 -1.37 -23.12
N VAL A 64 -15.60 -2.06 -22.07
CA VAL A 64 -15.94 -1.73 -20.70
C VAL A 64 -14.49 -1.76 -20.03
N CYS A 65 -14.07 -0.67 -19.37
CA CYS A 65 -12.76 -0.47 -18.79
C CYS A 65 -13.14 -0.08 -17.47
N GLY A 66 -12.26 -0.39 -16.48
CA GLY A 66 -12.49 0.00 -15.05
C GLY A 66 -11.61 1.13 -14.59
N ASP A 67 -11.10 1.09 -13.40
CA ASP A 67 -10.24 2.18 -12.98
C ASP A 67 -9.25 2.51 -14.04
N THR A 68 -9.04 3.81 -14.15
CA THR A 68 -7.89 4.38 -14.75
C THR A 68 -7.16 5.32 -13.86
N HIS A 69 -7.84 5.95 -12.93
CA HIS A 69 -7.06 6.73 -11.74
C HIS A 69 -5.76 7.46 -12.20
N GLY A 70 -5.90 8.30 -13.26
CA GLY A 70 -5.02 9.45 -13.63
C GLY A 70 -3.85 8.97 -14.45
N GLN A 71 -3.84 7.67 -14.70
CA GLN A 71 -2.78 7.23 -15.58
C GLN A 71 -3.15 7.50 -17.09
N PHE A 72 -3.27 8.80 -17.40
CA PHE A 72 -3.59 9.31 -18.76
C PHE A 72 -2.81 8.74 -20.04
N TYR A 73 -1.53 8.45 -19.85
CA TYR A 73 -0.76 7.84 -20.88
C TYR A 73 -1.23 6.43 -21.08
N ASP A 74 -1.58 5.75 -20.00
CA ASP A 74 -2.14 4.44 -20.23
C ASP A 74 -3.54 4.64 -20.74
N LEU A 75 -4.16 5.73 -20.51
CA LEU A 75 -5.52 5.89 -21.16
C LEU A 75 -5.43 5.97 -22.69
N LEU A 76 -4.42 6.71 -23.10
CA LEU A 76 -4.12 6.92 -24.52
C LEU A 76 -3.73 5.60 -25.00
N ASN A 77 -2.79 4.89 -24.38
CA ASN A 77 -2.53 3.52 -24.75
C ASN A 77 -3.80 2.73 -24.99
N ILE A 78 -4.81 2.77 -24.08
CA ILE A 78 -6.16 2.08 -24.34
C ILE A 78 -6.62 2.41 -25.74
N PHE A 79 -6.75 3.70 -26.00
CA PHE A 79 -7.26 4.17 -27.32
C PHE A 79 -6.40 3.72 -28.57
N GLU A 80 -5.06 3.62 -28.37
CA GLU A 80 -4.31 3.26 -29.47
C GLU A 80 -4.59 1.77 -29.83
N LEU A 81 -4.94 0.91 -28.86
CA LEU A 81 -4.93 -0.53 -29.03
C LEU A 81 -6.27 -0.89 -29.51
N ASN A 82 -7.25 -0.15 -29.01
CA ASN A 82 -8.63 -0.54 -29.22
C ASN A 82 -9.39 0.43 -30.09
N GLY A 83 -8.76 1.56 -30.43
CA GLY A 83 -9.52 2.53 -31.25
C GLY A 83 -10.08 3.72 -30.41
N LEU A 84 -10.32 4.82 -31.05
CA LEU A 84 -10.98 5.92 -30.45
C LEU A 84 -12.41 5.62 -30.24
N PRO A 85 -13.02 6.36 -29.35
CA PRO A 85 -14.37 6.20 -28.99
C PRO A 85 -15.04 6.60 -30.21
N SER A 86 -16.27 6.23 -30.51
CA SER A 86 -16.93 6.77 -31.68
C SER A 86 -18.18 6.04 -31.64
N GLU A 87 -19.12 6.38 -32.53
CA GLU A 87 -20.44 5.76 -32.35
C GLU A 87 -20.36 4.37 -32.73
N THR A 88 -19.21 3.87 -33.15
CA THR A 88 -19.20 2.44 -33.43
C THR A 88 -18.15 1.73 -32.72
N ASN A 89 -17.70 2.32 -31.65
CA ASN A 89 -16.66 1.79 -30.90
C ASN A 89 -16.93 2.34 -29.51
N PRO A 90 -18.10 1.92 -28.84
CA PRO A 90 -18.58 2.69 -27.66
C PRO A 90 -17.79 2.27 -26.51
N TYR A 91 -17.70 3.06 -25.49
CA TYR A 91 -16.87 2.73 -24.26
C TYR A 91 -17.72 2.76 -22.87
N ILE A 92 -17.50 1.93 -21.87
CA ILE A 92 -17.98 2.31 -20.69
C ILE A 92 -16.76 2.57 -19.77
N PHE A 93 -16.62 3.68 -19.09
CA PHE A 93 -15.52 3.65 -18.03
C PHE A 93 -16.09 3.56 -16.63
N ASN A 94 -15.91 2.42 -16.01
CA ASN A 94 -16.55 2.11 -14.76
C ASN A 94 -15.76 2.85 -13.56
N GLY A 95 -15.64 4.20 -13.60
CA GLY A 95 -15.18 5.02 -12.50
C GLY A 95 -13.80 4.79 -11.95
N ASP A 96 -13.48 5.53 -10.99
CA ASP A 96 -12.14 5.81 -10.51
C ASP A 96 -11.32 6.40 -11.62
N PHE A 97 -11.72 7.54 -12.12
CA PHE A 97 -10.95 8.18 -13.16
C PHE A 97 -9.86 9.09 -12.54
N VAL A 98 -10.10 9.52 -11.31
CA VAL A 98 -9.26 10.41 -10.72
C VAL A 98 -8.75 9.74 -9.54
N ASP A 99 -7.74 10.38 -8.94
CA ASP A 99 -7.01 10.06 -7.79
C ASP A 99 -5.83 9.21 -7.95
N ARG A 100 -4.78 9.53 -7.14
CA ARG A 100 -3.62 8.68 -7.07
C ARG A 100 -2.63 8.92 -8.26
N GLY A 101 -3.18 8.99 -9.46
CA GLY A 101 -2.39 9.27 -10.65
C GLY A 101 -2.06 10.76 -10.68
N SER A 102 -0.90 11.10 -11.24
CA SER A 102 -0.62 12.53 -11.38
C SER A 102 -1.07 13.34 -12.64
N PHE A 103 -1.93 12.75 -13.54
CA PHE A 103 -2.51 13.30 -14.78
C PHE A 103 -3.98 12.99 -14.67
N SER A 104 -4.56 13.38 -13.54
CA SER A 104 -6.04 13.18 -13.36
C SER A 104 -6.80 14.24 -14.08
N VAL A 105 -6.19 15.41 -14.20
CA VAL A 105 -6.94 16.48 -14.82
C VAL A 105 -7.08 16.15 -16.32
N GLU A 106 -5.94 15.68 -16.89
CA GLU A 106 -5.84 15.08 -18.27
C GLU A 106 -6.80 14.02 -18.47
N VAL A 107 -6.78 13.03 -17.52
CA VAL A 107 -7.81 11.95 -17.67
C VAL A 107 -9.18 12.46 -17.87
N ILE A 108 -9.63 13.32 -16.94
CA ILE A 108 -11.05 13.56 -16.70
C ILE A 108 -11.73 14.46 -17.80
N LEU A 109 -10.95 15.47 -18.20
CA LEU A 109 -11.39 16.26 -19.22
C LEU A 109 -11.27 15.49 -20.58
N THR A 110 -10.28 14.61 -20.79
CA THR A 110 -10.42 13.76 -22.04
C THR A 110 -11.73 12.97 -21.99
N LEU A 111 -11.86 12.23 -20.90
CA LEU A 111 -13.11 11.56 -20.56
C LEU A 111 -14.43 12.42 -20.80
N PHE A 112 -14.60 13.56 -20.10
CA PHE A 112 -15.79 14.37 -20.30
C PHE A 112 -15.95 14.89 -21.77
N GLY A 113 -14.83 15.11 -22.42
CA GLY A 113 -14.81 15.56 -23.84
C GLY A 113 -15.42 14.50 -24.78
N PHE A 114 -14.97 13.25 -24.71
CA PHE A 114 -15.62 12.19 -25.39
C PHE A 114 -17.05 12.04 -24.92
N LYS A 115 -17.40 12.46 -23.69
CA LYS A 115 -18.80 12.23 -23.28
C LYS A 115 -19.71 13.17 -24.01
N LEU A 116 -19.11 14.37 -24.05
CA LEU A 116 -19.76 15.45 -24.80
C LEU A 116 -19.89 15.12 -26.31
N LEU A 117 -18.83 14.45 -26.84
CA LEU A 117 -18.73 14.14 -28.25
C LEU A 117 -19.50 12.95 -28.64
N TYR A 118 -19.53 11.90 -27.82
CA TYR A 118 -20.39 10.78 -28.11
C TYR A 118 -21.30 10.33 -27.00
N PRO A 119 -22.26 11.18 -26.70
CA PRO A 119 -23.20 11.02 -25.49
C PRO A 119 -23.99 9.61 -25.45
N ASP A 120 -24.29 9.04 -26.59
CA ASP A 120 -25.08 7.85 -26.45
C ASP A 120 -24.23 6.59 -26.65
N HIS A 121 -22.91 6.74 -26.91
CA HIS A 121 -21.94 5.74 -27.12
C HIS A 121 -20.60 5.81 -26.12
N PHE A 122 -20.62 6.58 -25.07
CA PHE A 122 -19.36 6.69 -24.38
C PHE A 122 -19.90 6.87 -23.02
N HIS A 123 -19.71 5.89 -22.16
CA HIS A 123 -20.35 5.97 -20.84
C HIS A 123 -19.47 6.08 -19.67
N LEU A 124 -19.80 7.03 -18.83
CA LEU A 124 -19.08 7.15 -17.58
C LEU A 124 -19.80 6.77 -16.30
N LEU A 125 -19.34 5.92 -15.40
CA LEU A 125 -20.15 5.55 -14.27
C LEU A 125 -19.33 5.95 -13.13
N ARG A 126 -20.01 6.30 -12.05
CA ARG A 126 -19.29 6.94 -11.00
C ARG A 126 -18.31 6.00 -10.25
N GLY A 127 -17.05 6.36 -10.02
CA GLY A 127 -16.40 5.61 -8.99
C GLY A 127 -16.59 5.92 -7.50
N ASN A 128 -15.90 5.24 -6.63
CA ASN A 128 -15.82 5.83 -5.32
C ASN A 128 -14.77 6.99 -5.32
N HIS A 129 -13.90 7.08 -6.32
CA HIS A 129 -12.98 8.32 -6.24
C HIS A 129 -13.66 9.68 -6.86
N GLU A 130 -14.67 9.58 -7.68
CA GLU A 130 -15.49 10.76 -7.94
C GLU A 130 -16.39 11.22 -6.75
N THR A 131 -15.68 11.62 -5.67
CA THR A 131 -16.37 12.08 -4.40
C THR A 131 -15.40 12.93 -3.67
N ASP A 132 -15.89 13.96 -2.98
CA ASP A 132 -15.02 14.90 -2.17
C ASP A 132 -14.04 14.32 -1.25
N ASN A 133 -14.33 13.15 -0.66
CA ASN A 133 -13.48 12.68 0.33
C ASN A 133 -12.18 12.07 -0.15
N MET A 134 -12.39 11.18 -1.08
CA MET A 134 -11.28 10.50 -1.71
C MET A 134 -10.46 11.65 -2.30
N ASN A 135 -11.19 12.56 -3.01
CA ASN A 135 -10.60 13.76 -3.61
C ASN A 135 -9.69 14.62 -2.64
N GLN A 136 -10.18 14.93 -1.42
CA GLN A 136 -9.30 15.71 -0.43
C GLN A 136 -7.99 15.01 0.00
N ILE A 137 -7.88 13.69 -0.13
CA ILE A 137 -6.79 12.92 0.43
C ILE A 137 -5.86 12.29 -0.64
N TYR A 138 -6.43 11.72 -1.73
CA TYR A 138 -5.70 11.06 -2.87
C TYR A 138 -5.32 11.93 -4.12
N GLY A 139 -5.53 13.21 -4.17
CA GLY A 139 -4.71 13.87 -5.14
C GLY A 139 -5.52 14.68 -6.11
N PHE A 140 -6.71 14.24 -6.34
CA PHE A 140 -7.44 15.06 -7.34
C PHE A 140 -7.44 16.57 -7.02
N GLU A 141 -7.61 16.95 -5.74
CA GLU A 141 -8.07 18.26 -5.43
C GLU A 141 -6.90 19.05 -5.42
N GLY A 142 -5.78 18.49 -4.97
CA GLY A 142 -4.50 19.17 -4.89
C GLY A 142 -4.25 19.40 -6.34
N GLU A 143 -4.56 18.39 -7.18
CA GLU A 143 -4.16 18.51 -8.57
C GLU A 143 -4.96 19.68 -9.22
N VAL A 144 -6.21 19.87 -8.88
CA VAL A 144 -6.99 20.77 -9.60
C VAL A 144 -6.48 22.11 -9.08
N LYS A 145 -6.57 22.36 -7.77
CA LYS A 145 -5.95 23.51 -7.19
C LYS A 145 -4.66 23.91 -7.75
N ALA A 146 -3.85 23.00 -8.25
CA ALA A 146 -2.52 23.45 -8.69
C ALA A 146 -2.53 23.90 -10.17
N LYS A 147 -3.48 23.43 -10.89
CA LYS A 147 -3.45 23.66 -12.27
C LYS A 147 -4.61 24.74 -12.53
N TYR A 148 -5.68 24.73 -11.71
CA TYR A 148 -6.61 25.73 -11.90
C TYR A 148 -6.75 26.40 -10.51
N THR A 149 -7.94 26.25 -9.89
CA THR A 149 -8.35 26.78 -8.56
C THR A 149 -9.50 25.98 -7.86
N ALA A 150 -9.85 26.37 -6.63
CA ALA A 150 -10.66 25.65 -5.72
C ALA A 150 -11.95 25.66 -6.49
N GLN A 151 -12.31 26.92 -6.85
CA GLN A 151 -13.47 27.05 -7.75
C GLN A 151 -13.55 25.95 -8.83
N MET A 152 -12.53 25.87 -9.61
CA MET A 152 -12.63 24.77 -10.64
C MET A 152 -12.86 23.35 -10.01
N TYR A 153 -12.18 23.00 -8.89
CA TYR A 153 -12.50 21.82 -8.09
C TYR A 153 -13.94 21.69 -7.68
N GLU A 154 -14.62 22.74 -7.25
CA GLU A 154 -15.93 22.45 -6.70
C GLU A 154 -16.70 22.27 -7.95
N LEU A 155 -16.32 22.97 -9.00
CA LEU A 155 -17.19 22.65 -10.09
C LEU A 155 -17.15 21.03 -10.42
N PHE A 156 -15.91 20.49 -10.47
CA PHE A 156 -15.69 19.11 -10.79
C PHE A 156 -16.67 18.35 -9.85
N SER A 157 -16.81 18.77 -8.62
CA SER A 157 -17.42 17.92 -7.68
C SER A 157 -18.90 17.72 -8.04
N GLU A 158 -19.51 18.88 -8.25
CA GLU A 158 -20.84 19.09 -8.71
C GLU A 158 -21.11 18.31 -9.97
N VAL A 159 -20.12 18.24 -10.82
CA VAL A 159 -20.29 17.43 -11.97
C VAL A 159 -20.35 15.98 -11.57
N PHE A 160 -19.41 15.54 -10.75
CA PHE A 160 -19.30 14.10 -10.54
C PHE A 160 -20.72 13.67 -9.99
N GLU A 161 -21.19 14.55 -9.10
CA GLU A 161 -22.31 14.19 -8.36
C GLU A 161 -23.45 13.82 -9.30
N TRP A 162 -23.25 13.94 -10.67
CA TRP A 162 -24.43 13.60 -11.63
C TRP A 162 -24.21 12.37 -12.45
N LEU A 163 -22.98 11.91 -12.40
CA LEU A 163 -22.53 10.64 -12.90
C LEU A 163 -23.47 9.50 -12.53
N PRO A 164 -23.99 8.72 -13.55
CA PRO A 164 -24.98 7.64 -13.25
C PRO A 164 -24.42 6.66 -12.22
N LEU A 165 -25.18 5.98 -11.39
CA LEU A 165 -24.40 5.03 -10.55
C LEU A 165 -24.02 3.61 -11.15
N ALA A 166 -24.70 3.16 -12.23
CA ALA A 166 -24.69 1.80 -12.80
C ALA A 166 -25.49 1.73 -14.20
N GLN A 167 -25.20 0.72 -15.03
CA GLN A 167 -25.53 0.63 -16.38
C GLN A 167 -25.70 -0.86 -16.53
N CYS A 168 -26.78 -1.26 -17.25
CA CYS A 168 -27.19 -2.59 -17.51
C CYS A 168 -27.16 -2.75 -19.00
N ILE A 169 -26.79 -3.87 -19.61
CA ILE A 169 -26.81 -3.99 -21.12
C ILE A 169 -27.71 -5.14 -21.58
N ASN A 170 -28.79 -4.90 -22.37
CA ASN A 170 -29.72 -5.94 -22.80
C ASN A 170 -30.45 -6.66 -21.66
N GLY A 171 -30.51 -6.02 -20.49
CA GLY A 171 -31.13 -6.46 -19.24
C GLY A 171 -30.62 -7.82 -18.91
N LYS A 172 -29.41 -8.05 -19.42
CA LYS A 172 -28.57 -9.25 -19.15
C LYS A 172 -27.42 -8.93 -18.25
N VAL A 173 -26.63 -7.85 -18.40
CA VAL A 173 -25.31 -7.61 -17.79
C VAL A 173 -25.37 -6.29 -17.08
N LEU A 174 -25.05 -6.26 -15.81
CA LEU A 174 -25.05 -5.03 -15.09
C LEU A 174 -23.64 -4.63 -14.55
N ILE A 175 -23.27 -3.36 -14.66
CA ILE A 175 -21.90 -2.81 -14.42
C ILE A 175 -21.99 -1.69 -13.42
N MET A 176 -21.20 -1.75 -12.35
CA MET A 176 -21.10 -0.70 -11.45
C MET A 176 -19.72 -0.87 -11.03
N HIS A 177 -19.25 0.03 -10.16
CA HIS A 177 -17.82 0.26 -9.90
C HIS A 177 -17.35 -0.64 -8.83
N GLY A 178 -18.04 -0.64 -7.68
CA GLY A 178 -17.80 -1.46 -6.50
C GLY A 178 -18.59 -2.81 -6.63
N GLY A 179 -19.90 -2.80 -6.50
CA GLY A 179 -20.54 -4.11 -6.28
C GLY A 179 -21.98 -4.30 -5.85
N LEU A 180 -22.33 -5.43 -5.25
CA LEU A 180 -23.70 -5.52 -4.82
C LEU A 180 -23.83 -5.11 -3.38
N PHE A 181 -24.86 -5.60 -2.74
CA PHE A 181 -25.54 -4.87 -1.66
C PHE A 181 -25.23 -5.39 -0.28
N SER A 182 -25.18 -4.46 0.71
CA SER A 182 -25.30 -4.79 2.09
C SER A 182 -26.68 -5.48 2.43
N GLU A 183 -27.77 -5.41 1.72
CA GLU A 183 -28.91 -5.94 2.40
C GLU A 183 -29.34 -6.63 1.23
N ASP A 184 -30.23 -7.59 1.35
CA ASP A 184 -30.78 -8.28 0.22
C ASP A 184 -32.08 -7.65 -0.27
N GLY A 185 -32.43 -7.99 -1.50
CA GLY A 185 -33.76 -7.72 -2.07
C GLY A 185 -33.63 -6.48 -2.86
N VAL A 186 -32.42 -6.05 -3.14
CA VAL A 186 -32.28 -4.87 -3.98
C VAL A 186 -32.41 -5.13 -5.52
N THR A 187 -33.25 -4.32 -6.17
CA THR A 187 -33.67 -4.58 -7.56
C THR A 187 -33.28 -3.42 -8.55
N LEU A 188 -33.58 -3.53 -9.84
CA LEU A 188 -32.98 -2.51 -10.75
C LEU A 188 -33.84 -1.25 -10.56
N ASP A 189 -35.18 -1.47 -10.58
CA ASP A 189 -36.10 -0.47 -10.06
C ASP A 189 -35.79 0.36 -8.78
N ASP A 190 -35.31 -0.20 -7.74
CA ASP A 190 -34.45 0.50 -6.73
C ASP A 190 -33.22 1.38 -7.11
N ILE A 191 -32.52 1.15 -8.21
CA ILE A 191 -31.19 1.72 -8.42
C ILE A 191 -31.53 2.99 -9.21
N ARG A 192 -32.48 2.78 -10.11
CA ARG A 192 -33.13 3.85 -10.85
C ARG A 192 -33.50 5.01 -9.87
N LYS A 193 -34.09 4.80 -8.68
CA LYS A 193 -34.71 5.87 -7.91
C LYS A 193 -33.77 6.33 -6.92
N ILE A 194 -32.52 5.79 -6.95
CA ILE A 194 -31.51 6.36 -5.96
C ILE A 194 -31.25 7.88 -6.28
N GLU A 195 -31.44 8.79 -5.33
CA GLU A 195 -31.39 10.20 -5.66
C GLU A 195 -29.89 10.43 -5.59
N ARG A 196 -29.21 10.28 -6.73
CA ARG A 196 -27.65 10.19 -6.71
C ARG A 196 -26.82 11.45 -6.50
N ASN A 197 -27.45 12.61 -6.65
CA ASN A 197 -26.73 13.89 -6.63
C ASN A 197 -26.25 14.39 -5.31
N ARG A 198 -25.29 13.70 -4.69
CA ARG A 198 -24.83 14.00 -3.35
C ARG A 198 -23.45 13.34 -3.19
N GLN A 199 -22.68 13.62 -2.18
CA GLN A 199 -21.68 12.74 -1.73
C GLN A 199 -22.33 11.46 -1.15
N PRO A 200 -21.76 10.24 -1.42
CA PRO A 200 -22.54 9.02 -1.05
C PRO A 200 -22.79 9.02 0.41
N PRO A 201 -23.90 8.41 0.81
CA PRO A 201 -23.93 8.32 2.32
C PRO A 201 -22.90 7.26 2.82
N ASP A 202 -22.64 7.27 4.14
CA ASP A 202 -22.12 6.04 4.98
C ASP A 202 -22.61 4.63 4.64
N SER A 203 -23.74 4.33 4.00
CA SER A 203 -24.23 2.97 3.99
C SER A 203 -25.44 3.30 3.31
N GLY A 204 -26.19 2.26 2.94
CA GLY A 204 -27.30 2.25 1.96
C GLY A 204 -26.78 1.87 0.64
N PRO A 205 -27.65 1.56 -0.28
CA PRO A 205 -27.39 1.14 -1.61
C PRO A 205 -26.43 2.00 -2.42
N MET A 206 -26.65 3.27 -2.45
CA MET A 206 -25.63 4.06 -3.12
C MET A 206 -24.22 3.89 -2.55
N CYS A 207 -24.02 3.67 -1.30
CA CYS A 207 -22.71 3.36 -0.80
C CYS A 207 -22.24 2.04 -1.48
N ASP A 208 -23.12 1.07 -1.56
CA ASP A 208 -22.64 -0.22 -1.85
C ASP A 208 -22.08 -0.17 -3.23
N LEU A 209 -22.93 0.26 -4.19
CA LEU A 209 -22.64 0.25 -5.58
C LEU A 209 -21.18 0.79 -5.70
N LEU A 210 -20.86 1.84 -4.96
CA LEU A 210 -19.60 2.55 -5.09
C LEU A 210 -18.36 1.86 -4.37
N TRP A 211 -18.73 1.00 -3.42
CA TRP A 211 -17.80 0.53 -2.37
C TRP A 211 -17.48 -1.01 -2.04
N SER A 212 -18.47 -1.88 -2.11
CA SER A 212 -18.40 -3.27 -1.81
C SER A 212 -17.50 -4.12 -2.72
N ASP A 213 -17.13 -5.28 -2.21
CA ASP A 213 -16.21 -6.20 -2.89
C ASP A 213 -16.88 -7.50 -2.81
N PRO A 214 -16.60 -8.38 -3.76
CA PRO A 214 -16.93 -9.83 -3.63
C PRO A 214 -16.05 -10.49 -2.68
N GLN A 215 -16.55 -11.55 -1.95
CA GLN A 215 -15.70 -12.47 -1.28
C GLN A 215 -15.93 -13.87 -1.83
N PRO A 216 -15.07 -14.86 -1.60
CA PRO A 216 -15.22 -16.19 -2.08
C PRO A 216 -16.22 -17.06 -1.27
N GLN A 217 -16.22 -16.90 0.09
CA GLN A 217 -17.02 -17.83 0.91
C GLN A 217 -18.50 -17.28 0.89
N ASN A 218 -19.55 -18.13 0.77
CA ASN A 218 -21.00 -17.65 0.90
C ASN A 218 -21.22 -16.60 2.06
N GLY A 219 -22.23 -15.73 1.96
CA GLY A 219 -22.47 -14.65 2.94
C GLY A 219 -22.14 -13.14 2.76
N ARG A 220 -22.09 -12.38 3.89
CA ARG A 220 -21.57 -11.06 3.87
C ARG A 220 -20.59 -10.82 5.02
N SER A 221 -19.43 -10.13 4.84
CA SER A 221 -18.52 -9.61 5.83
C SER A 221 -18.47 -8.08 5.81
N ILE A 222 -18.27 -7.50 6.95
CA ILE A 222 -17.79 -6.16 6.99
C ILE A 222 -16.52 -6.00 6.08
N SER A 223 -16.44 -4.89 5.35
CA SER A 223 -15.45 -4.65 4.34
C SER A 223 -14.28 -4.21 5.08
N LYS A 224 -13.17 -4.77 4.58
CA LYS A 224 -11.87 -4.61 5.12
C LYS A 224 -11.58 -3.10 4.84
N ARG A 225 -12.43 -2.47 4.02
CA ARG A 225 -12.05 -1.07 3.80
C ARG A 225 -12.77 -0.05 4.78
N GLY A 226 -13.52 -0.51 5.78
CA GLY A 226 -14.22 0.61 6.63
C GLY A 226 -15.66 1.03 6.23
N VAL A 227 -16.19 0.60 5.07
CA VAL A 227 -17.54 0.97 4.56
C VAL A 227 -18.17 -0.15 3.61
N SER A 228 -19.47 -0.20 3.44
CA SER A 228 -20.06 -1.25 2.74
C SER A 228 -19.61 -2.68 3.20
N CYS A 229 -19.71 -3.74 2.42
CA CYS A 229 -19.32 -5.04 2.82
C CYS A 229 -18.70 -5.78 1.64
N GLN A 230 -18.40 -7.07 1.89
CA GLN A 230 -17.95 -8.07 0.89
C GLN A 230 -19.20 -8.94 0.74
N PHE A 231 -19.62 -9.26 -0.45
CA PHE A 231 -20.72 -10.11 -0.64
C PHE A 231 -20.19 -11.42 -1.28
N GLY A 232 -20.85 -12.52 -0.90
CA GLY A 232 -20.46 -13.83 -1.30
C GLY A 232 -21.14 -14.29 -2.51
N PRO A 233 -20.91 -15.51 -2.92
CA PRO A 233 -21.48 -16.02 -4.13
C PRO A 233 -22.90 -16.29 -4.03
N ASP A 234 -23.47 -16.58 -2.87
CA ASP A 234 -24.85 -16.64 -2.67
C ASP A 234 -25.36 -15.37 -3.01
N VAL A 235 -24.84 -14.21 -2.42
CA VAL A 235 -25.44 -12.75 -2.55
C VAL A 235 -25.72 -12.42 -3.98
N THR A 236 -24.64 -12.66 -4.80
CA THR A 236 -24.66 -12.45 -6.28
C THR A 236 -25.74 -13.28 -6.96
N LYS A 237 -25.70 -14.58 -6.71
CA LYS A 237 -26.70 -15.45 -7.27
C LYS A 237 -28.14 -15.11 -6.88
N ALA A 238 -28.38 -14.78 -5.65
CA ALA A 238 -29.68 -14.15 -5.21
C ALA A 238 -30.22 -12.88 -5.96
N PHE A 239 -29.40 -11.85 -6.00
CA PHE A 239 -29.57 -10.66 -6.92
C PHE A 239 -29.70 -10.89 -8.45
N LEU A 240 -28.91 -11.84 -8.99
CA LEU A 240 -29.16 -12.14 -10.41
C LEU A 240 -30.50 -12.73 -10.56
N GLU A 241 -30.89 -13.67 -9.71
CA GLU A 241 -32.24 -14.23 -9.89
C GLU A 241 -33.34 -13.16 -9.79
N GLU A 242 -33.24 -12.23 -8.83
CA GLU A 242 -34.46 -11.37 -8.65
C GLU A 242 -34.65 -10.52 -9.81
N ASN A 243 -33.50 -10.12 -10.37
CA ASN A 243 -33.46 -9.16 -11.42
C ASN A 243 -33.40 -9.83 -12.82
N ASN A 244 -33.44 -11.17 -12.94
CA ASN A 244 -33.23 -11.64 -14.30
C ASN A 244 -31.91 -11.32 -15.09
N LEU A 245 -30.79 -11.17 -14.44
CA LEU A 245 -29.50 -10.86 -15.10
C LEU A 245 -28.56 -12.06 -15.29
N ASP A 246 -27.64 -11.99 -16.28
CA ASP A 246 -26.52 -12.93 -16.51
C ASP A 246 -25.37 -12.72 -15.66
N TYR A 247 -24.88 -11.54 -15.44
CA TYR A 247 -23.84 -11.51 -14.40
C TYR A 247 -23.38 -10.06 -14.21
N ILE A 248 -22.40 -9.80 -13.38
CA ILE A 248 -22.12 -8.41 -13.23
C ILE A 248 -20.68 -8.08 -13.52
N ILE A 249 -20.44 -6.94 -14.05
CA ILE A 249 -18.99 -6.49 -14.23
C ILE A 249 -18.83 -5.34 -13.30
N ARG A 250 -17.76 -5.31 -12.54
CA ARG A 250 -17.46 -4.26 -11.54
C ARG A 250 -15.91 -4.07 -11.56
N SER A 251 -15.40 -3.14 -10.74
CA SER A 251 -13.93 -2.82 -10.80
C SER A 251 -13.24 -2.77 -9.49
N HIS A 252 -12.67 -1.64 -9.12
CA HIS A 252 -12.48 -1.20 -7.74
C HIS A 252 -11.21 -1.83 -7.05
N GLU A 253 -10.92 -3.04 -7.37
CA GLU A 253 -9.74 -3.62 -6.82
C GLU A 253 -8.72 -4.08 -7.98
N VAL A 254 -7.42 -3.86 -7.72
CA VAL A 254 -6.35 -4.11 -8.70
C VAL A 254 -6.16 -5.51 -8.95
N LYS A 255 -5.61 -5.98 -10.02
CA LYS A 255 -5.52 -7.39 -10.21
C LYS A 255 -4.29 -7.73 -10.95
N ALA A 256 -3.49 -8.68 -10.53
CA ALA A 256 -2.21 -8.93 -11.17
C ALA A 256 -2.34 -9.18 -12.64
N GLU A 257 -3.40 -9.83 -13.13
CA GLU A 257 -3.72 -9.88 -14.63
C GLU A 257 -4.73 -8.86 -15.20
N GLY A 258 -5.23 -7.92 -14.40
CA GLY A 258 -6.20 -7.01 -14.98
C GLY A 258 -7.63 -7.41 -15.11
N TYR A 259 -8.01 -8.59 -14.58
CA TYR A 259 -9.35 -9.13 -14.47
C TYR A 259 -9.26 -10.31 -13.51
N GLU A 260 -10.38 -10.62 -12.85
CA GLU A 260 -10.63 -11.82 -12.26
C GLU A 260 -12.07 -12.27 -12.63
N VAL A 261 -12.39 -13.58 -12.61
CA VAL A 261 -13.79 -13.95 -12.62
C VAL A 261 -14.13 -14.67 -11.30
N ALA A 262 -14.95 -14.08 -10.43
CA ALA A 262 -15.32 -14.69 -9.19
C ALA A 262 -16.75 -15.23 -9.27
N HIS A 263 -17.21 -15.93 -8.23
CA HIS A 263 -18.55 -16.26 -8.14
C HIS A 263 -18.94 -17.13 -9.20
N GLY A 264 -18.05 -18.00 -9.60
CA GLY A 264 -18.48 -18.97 -10.59
C GLY A 264 -18.83 -18.65 -11.97
N GLY A 265 -18.40 -17.49 -12.38
CA GLY A 265 -18.58 -16.79 -13.64
C GLY A 265 -19.30 -15.47 -13.33
N ARG A 266 -19.97 -15.34 -12.22
CA ARG A 266 -21.05 -14.44 -12.02
C ARG A 266 -20.51 -12.98 -11.68
N CYS A 267 -19.27 -12.77 -11.33
CA CYS A 267 -19.00 -11.43 -10.85
C CYS A 267 -17.55 -11.17 -11.41
N VAL A 268 -17.45 -10.36 -12.49
CA VAL A 268 -16.19 -10.12 -13.20
C VAL A 268 -15.40 -8.79 -12.74
N THR A 269 -14.11 -8.80 -12.59
CA THR A 269 -13.49 -7.55 -12.25
C THR A 269 -12.59 -7.24 -13.42
N VAL A 270 -12.84 -6.15 -14.10
CA VAL A 270 -11.90 -5.41 -14.95
C VAL A 270 -11.31 -4.12 -14.26
N PHE A 271 -10.05 -3.77 -14.56
CA PHE A 271 -9.34 -2.72 -13.81
C PHE A 271 -8.45 -2.11 -14.70
N SER A 272 -8.57 -0.87 -15.19
CA SER A 272 -7.68 -0.57 -16.37
C SER A 272 -6.54 0.39 -16.24
N ALA A 273 -6.01 0.43 -15.06
CA ALA A 273 -4.89 1.25 -14.69
C ALA A 273 -3.77 0.32 -14.45
N PRO A 274 -2.89 0.10 -15.44
CA PRO A 274 -1.81 -0.81 -15.27
C PRO A 274 -0.71 -0.32 -14.43
N ASN A 275 0.05 -1.27 -13.89
CA ASN A 275 1.26 -1.01 -13.10
C ASN A 275 0.80 0.10 -12.25
N TYR A 276 -0.38 -0.14 -11.67
CA TYR A 276 -1.15 0.86 -10.83
C TYR A 276 -0.24 1.64 -9.95
N CYS A 277 -0.17 2.94 -10.09
CA CYS A 277 0.64 3.80 -9.16
C CYS A 277 2.17 3.55 -9.44
N ASP A 278 2.52 3.07 -10.62
CA ASP A 278 3.98 2.85 -10.95
C ASP A 278 4.62 1.85 -9.97
N GLN A 279 3.77 0.98 -9.44
CA GLN A 279 4.24 0.13 -8.36
C GLN A 279 4.01 -1.36 -8.64
N MET A 280 2.76 -1.66 -9.03
CA MET A 280 2.29 -3.02 -8.62
C MET A 280 2.46 -4.01 -9.70
N GLY A 281 3.13 -3.61 -10.77
CA GLY A 281 3.53 -4.55 -11.66
C GLY A 281 2.35 -5.03 -12.45
N ASN A 282 1.16 -4.49 -12.23
CA ASN A 282 0.04 -5.25 -12.74
C ASN A 282 -0.23 -5.07 -14.18
N LYS A 283 -0.88 -6.11 -14.65
CA LYS A 283 -1.49 -5.98 -15.85
C LYS A 283 -2.78 -5.28 -15.61
N ALA A 284 -3.20 -4.56 -16.65
CA ALA A 284 -4.66 -4.17 -16.86
C ALA A 284 -5.19 -4.89 -18.04
N SER A 285 -6.46 -4.64 -18.30
CA SER A 285 -7.16 -5.10 -19.58
C SER A 285 -8.38 -4.28 -19.79
N TYR A 286 -9.08 -4.69 -20.80
CA TYR A 286 -10.48 -4.19 -20.85
C TYR A 286 -11.18 -5.36 -21.50
N ILE A 287 -12.48 -5.22 -21.67
CA ILE A 287 -13.42 -6.23 -21.98
C ILE A 287 -14.17 -5.87 -23.27
N HIS A 288 -14.44 -6.80 -24.15
CA HIS A 288 -15.29 -6.50 -25.28
C HIS A 288 -16.46 -7.43 -25.06
N LEU A 289 -17.67 -6.94 -25.02
CA LEU A 289 -18.89 -7.72 -25.09
C LEU A 289 -19.52 -7.45 -26.45
N GLN A 290 -20.16 -8.38 -27.09
CA GLN A 290 -20.78 -7.93 -28.32
C GLN A 290 -22.18 -8.29 -28.40
N GLY A 291 -22.92 -7.68 -29.28
CA GLY A 291 -24.38 -7.74 -29.11
C GLY A 291 -25.06 -9.13 -29.00
N SER A 292 -24.58 -10.05 -29.85
CA SER A 292 -25.02 -11.43 -29.88
C SER A 292 -24.16 -12.46 -29.06
N ASP A 293 -23.32 -12.03 -28.14
CA ASP A 293 -22.91 -13.10 -27.19
C ASP A 293 -22.21 -12.37 -26.04
N LEU A 294 -22.98 -12.11 -24.97
CA LEU A 294 -22.60 -10.93 -24.13
C LEU A 294 -21.51 -11.40 -23.11
N ARG A 295 -20.63 -12.27 -23.58
CA ARG A 295 -19.88 -13.05 -22.75
C ARG A 295 -18.63 -12.30 -22.80
N PRO A 296 -17.85 -12.27 -21.67
CA PRO A 296 -16.73 -11.30 -21.76
C PRO A 296 -15.62 -11.88 -22.54
N GLN A 297 -15.03 -11.05 -23.42
CA GLN A 297 -13.70 -11.30 -23.88
C GLN A 297 -12.70 -10.31 -23.20
N PHE A 298 -11.54 -10.76 -22.67
CA PHE A 298 -10.66 -9.94 -21.89
C PHE A 298 -9.42 -9.64 -22.65
N HIS A 299 -9.07 -8.38 -22.74
CA HIS A 299 -7.97 -8.00 -23.64
C HIS A 299 -6.84 -7.43 -22.75
N GLN A 300 -5.72 -8.08 -22.60
CA GLN A 300 -4.74 -7.49 -21.65
C GLN A 300 -3.88 -6.34 -22.25
N PHE A 301 -3.27 -5.54 -21.44
CA PHE A 301 -2.31 -4.58 -21.99
C PHE A 301 -1.47 -4.11 -20.82
N THR A 302 -0.33 -3.55 -21.09
CA THR A 302 0.49 -3.14 -19.95
C THR A 302 0.99 -1.70 -20.13
N ALA A 303 1.55 -1.16 -19.03
CA ALA A 303 1.81 0.29 -18.91
C ALA A 303 2.91 0.83 -19.88
N VAL A 304 2.66 1.98 -20.48
CA VAL A 304 3.67 2.65 -21.39
C VAL A 304 4.52 3.64 -20.60
N PRO A 305 5.49 4.27 -21.29
CA PRO A 305 6.29 5.34 -20.50
C PRO A 305 5.36 6.59 -20.10
N HIS A 306 5.57 7.33 -19.03
CA HIS A 306 4.84 8.58 -18.89
C HIS A 306 5.84 9.57 -18.31
N PRO A 307 5.41 10.85 -18.22
CA PRO A 307 6.56 11.69 -17.96
C PRO A 307 6.86 11.70 -16.44
N ASN A 308 8.02 12.27 -16.01
CA ASN A 308 8.47 12.02 -14.63
C ASN A 308 7.70 12.98 -13.66
N VAL A 309 6.39 12.74 -13.54
CA VAL A 309 5.74 13.20 -12.40
C VAL A 309 5.30 12.05 -11.44
N LYS A 310 5.61 12.20 -10.13
CA LYS A 310 5.38 11.05 -9.21
C LYS A 310 3.94 10.76 -8.85
N PRO A 311 3.59 9.43 -8.57
CA PRO A 311 2.15 9.20 -8.13
C PRO A 311 1.93 10.13 -6.97
N MET A 312 0.67 10.51 -6.80
CA MET A 312 0.31 11.19 -5.55
C MET A 312 0.80 12.66 -5.53
N ALA A 313 1.69 13.04 -6.48
CA ALA A 313 2.39 14.33 -6.40
C ALA A 313 1.46 15.37 -5.77
N TYR A 314 0.13 15.31 -6.07
CA TYR A 314 -0.64 16.64 -5.78
C TYR A 314 -1.38 16.64 -4.45
N ALA A 315 -1.25 15.51 -3.71
CA ALA A 315 -1.90 15.37 -2.41
C ALA A 315 -1.16 16.25 -1.34
N TYR B 1 -2.19 -32.03 18.70
CA TYR B 1 -1.26 -30.89 18.33
C TYR B 1 0.14 -31.46 18.16
N SER B 2 0.61 -31.59 16.88
CA SER B 2 1.90 -32.33 16.63
C SER B 2 3.05 -31.32 16.36
N GLY B 3 2.83 -30.04 16.80
CA GLY B 3 3.72 -28.92 16.40
C GLY B 3 4.94 -28.89 17.34
N PRO B 4 5.82 -27.89 17.17
CA PRO B 4 7.01 -28.00 18.02
C PRO B 4 6.68 -27.61 19.44
N LYS B 5 7.27 -28.34 20.37
CA LYS B 5 7.14 -28.08 21.79
C LYS B 5 8.55 -27.94 22.49
N LEU B 6 8.52 -27.16 23.56
CA LEU B 6 9.83 -26.78 24.12
C LEU B 6 10.40 -27.92 24.97
N GLU B 7 11.71 -28.03 25.02
CA GLU B 7 12.28 -29.01 25.87
C GLU B 7 12.59 -28.65 27.30
N ASP B 8 11.52 -28.64 28.09
CA ASP B 8 11.53 -28.69 29.59
C ASP B 8 11.30 -27.22 29.67
N GLY B 9 10.32 -26.78 28.88
CA GLY B 9 9.99 -25.29 28.86
C GLY B 9 11.14 -24.39 28.34
N LYS B 10 11.94 -24.97 27.43
CA LYS B 10 13.21 -24.35 27.26
C LYS B 10 13.53 -24.49 25.82
N VAL B 11 14.11 -23.41 25.23
CA VAL B 11 14.29 -23.41 23.82
C VAL B 11 15.56 -24.14 23.48
N THR B 12 15.56 -24.76 22.29
CA THR B 12 16.75 -25.40 21.82
C THR B 12 16.95 -25.32 20.40
N ILE B 13 18.19 -25.31 20.05
CA ILE B 13 18.52 -25.27 18.63
C ILE B 13 17.72 -26.19 17.69
N SER B 14 17.15 -27.34 18.10
CA SER B 14 16.31 -28.02 17.05
C SER B 14 14.77 -27.76 17.22
N PHE B 15 14.41 -27.23 18.41
CA PHE B 15 13.08 -26.59 18.48
C PHE B 15 13.02 -25.53 17.38
N MET B 16 14.14 -24.75 17.31
CA MET B 16 14.15 -23.60 16.35
C MET B 16 14.23 -24.16 14.99
N LYS B 17 14.99 -25.26 14.74
CA LYS B 17 14.90 -25.65 13.32
C LYS B 17 13.37 -26.10 13.12
N GLU B 18 12.83 -26.83 14.14
CA GLU B 18 11.38 -27.19 13.93
C GLU B 18 10.41 -26.05 13.88
N LEU B 19 10.66 -24.92 14.53
CA LEU B 19 9.65 -23.87 14.29
C LEU B 19 9.79 -23.33 12.85
N MET B 20 11.08 -23.23 12.47
CA MET B 20 11.23 -22.52 11.22
C MET B 20 10.46 -23.32 10.12
N GLN B 21 10.51 -24.66 10.18
CA GLN B 21 9.87 -25.47 9.16
C GLN B 21 8.29 -25.46 9.35
N TRP B 22 7.89 -25.54 10.67
CA TRP B 22 6.50 -25.38 10.97
C TRP B 22 5.96 -24.03 10.39
N TYR B 23 6.81 -23.00 10.44
CA TYR B 23 6.21 -21.76 10.12
C TYR B 23 6.13 -21.66 8.60
N LYS B 24 7.24 -22.12 7.96
CA LYS B 24 7.31 -22.20 6.53
C LYS B 24 6.01 -22.82 6.07
N ASP B 25 5.51 -23.90 6.68
CA ASP B 25 4.26 -24.39 6.00
C ASP B 25 3.08 -23.86 6.58
N GLN B 26 3.11 -22.61 6.91
CA GLN B 26 1.81 -22.00 7.36
C GLN B 26 1.02 -22.55 8.55
N LYS B 27 1.77 -23.10 9.52
CA LYS B 27 1.19 -23.62 10.74
C LYS B 27 1.34 -22.66 11.94
N LYS B 28 0.48 -22.83 12.92
CA LYS B 28 0.46 -21.87 13.99
C LYS B 28 1.20 -22.54 15.18
N LEU B 29 2.03 -21.81 15.95
CA LEU B 29 2.79 -22.55 16.98
C LEU B 29 1.77 -22.58 18.03
N HIS B 30 1.85 -23.48 18.95
CA HIS B 30 0.76 -23.44 20.02
C HIS B 30 0.85 -22.27 20.97
N ARG B 31 -0.29 -21.77 21.42
CA ARG B 31 -0.25 -20.64 22.49
C ARG B 31 0.74 -20.82 23.66
N LYS B 32 0.85 -22.02 24.14
CA LYS B 32 1.51 -22.15 25.37
C LYS B 32 3.08 -22.08 25.11
N CYS B 33 3.59 -22.51 23.93
CA CYS B 33 5.07 -22.20 23.58
C CYS B 33 5.12 -20.65 23.49
N ALA B 34 4.24 -20.09 22.64
CA ALA B 34 4.09 -18.67 22.43
C ALA B 34 4.23 -17.95 23.82
N TYR B 35 3.32 -18.29 24.70
CA TYR B 35 3.41 -17.68 25.99
C TYR B 35 4.81 -17.97 26.81
N GLN B 36 5.39 -19.12 26.60
CA GLN B 36 6.51 -19.41 27.41
C GLN B 36 7.64 -18.45 26.87
N ILE B 37 7.77 -18.42 25.52
CA ILE B 37 8.79 -17.63 24.89
C ILE B 37 8.51 -16.15 25.27
N LEU B 38 7.27 -15.71 25.12
CA LEU B 38 7.09 -14.34 25.59
C LEU B 38 7.69 -14.12 27.00
N VAL B 39 7.31 -14.86 28.01
CA VAL B 39 7.69 -14.37 29.33
C VAL B 39 9.19 -14.70 29.62
N GLN B 40 9.78 -15.64 28.98
CA GLN B 40 11.18 -15.84 29.22
C GLN B 40 12.02 -14.83 28.48
N VAL B 41 11.55 -14.33 27.32
CA VAL B 41 12.19 -13.23 26.72
C VAL B 41 11.93 -11.88 27.54
N LYS B 42 10.65 -11.57 27.82
CA LYS B 42 10.35 -10.35 28.63
C LYS B 42 11.29 -10.34 29.87
N GLU B 43 11.64 -11.53 30.44
CA GLU B 43 12.55 -11.59 31.52
C GLU B 43 13.94 -11.07 31.02
N VAL B 44 14.52 -11.75 30.03
CA VAL B 44 15.89 -11.58 29.55
C VAL B 44 16.16 -10.20 29.15
N LEU B 45 15.36 -9.68 28.17
CA LEU B 45 15.50 -8.25 27.73
C LEU B 45 15.41 -7.28 28.99
N SER B 46 14.44 -7.52 29.94
CA SER B 46 14.20 -6.51 30.95
C SER B 46 15.39 -6.33 31.91
N LYS B 47 16.19 -7.34 32.13
CA LYS B 47 17.54 -7.16 32.62
C LYS B 47 18.61 -6.51 31.71
N LEU B 48 18.31 -6.14 30.46
CA LEU B 48 19.35 -5.52 29.65
C LEU B 48 19.53 -3.98 29.70
N SER B 49 20.75 -3.43 29.43
CA SER B 49 20.84 -1.94 29.52
C SER B 49 19.94 -1.33 28.46
N THR B 50 19.40 -0.11 28.58
CA THR B 50 18.85 0.50 27.38
C THR B 50 19.82 0.51 26.14
N LEU B 51 21.11 0.63 26.45
CA LEU B 51 22.10 0.75 25.40
C LEU B 51 22.94 -0.57 25.59
N VAL B 52 22.96 -1.45 24.59
CA VAL B 52 23.77 -2.66 24.64
C VAL B 52 25.17 -2.29 24.27
N GLU B 53 26.13 -2.75 25.07
CA GLU B 53 27.55 -2.46 24.77
C GLU B 53 28.39 -3.72 24.49
N THR B 54 28.80 -3.88 23.26
CA THR B 54 29.39 -5.11 22.85
C THR B 54 30.84 -5.00 22.32
N THR B 55 31.56 -6.15 22.40
CA THR B 55 32.95 -6.23 21.97
C THR B 55 33.17 -7.33 20.99
N LEU B 56 33.64 -7.03 19.79
CA LEU B 56 33.91 -7.99 18.72
C LEU B 56 35.42 -8.13 18.76
N LYS B 57 35.93 -9.34 19.03
CA LYS B 57 37.32 -9.49 19.30
C LYS B 57 37.98 -9.33 17.97
N GLU B 58 39.32 -9.15 18.08
CA GLU B 58 40.19 -9.20 16.88
C GLU B 58 39.65 -10.20 15.72
N THR B 59 39.06 -11.32 16.04
CA THR B 59 38.70 -12.28 15.06
C THR B 59 37.16 -12.42 14.89
N GLU B 60 36.46 -12.00 15.91
CA GLU B 60 34.98 -12.17 15.94
C GLU B 60 34.37 -11.32 14.85
N LYS B 61 33.23 -11.77 14.28
CA LYS B 61 32.44 -10.83 13.29
C LYS B 61 31.02 -10.72 13.95
N ILE B 62 30.14 -9.85 13.39
CA ILE B 62 28.68 -9.85 13.62
C ILE B 62 27.85 -9.49 12.28
N THR B 63 26.64 -10.05 12.10
CA THR B 63 25.82 -9.56 11.03
C THR B 63 24.88 -8.52 11.55
N VAL B 64 24.52 -7.46 10.85
CA VAL B 64 23.56 -6.46 11.36
C VAL B 64 22.42 -6.43 10.35
N CYS B 65 21.22 -6.67 10.78
CA CYS B 65 20.11 -6.53 9.82
C CYS B 65 19.16 -5.37 10.02
N GLY B 66 18.63 -4.78 8.95
CA GLY B 66 17.51 -3.71 9.13
C GLY B 66 16.00 -4.17 9.20
N ASP B 67 15.12 -3.24 8.87
CA ASP B 67 13.66 -3.65 8.86
C ASP B 67 13.37 -4.97 8.18
N THR B 68 12.42 -5.74 8.77
CA THR B 68 12.15 -7.07 8.20
C THR B 68 10.67 -7.17 8.20
N HIS B 69 10.01 -6.40 9.11
CA HIS B 69 8.52 -6.11 8.70
C HIS B 69 7.67 -7.28 8.07
N GLY B 70 7.55 -8.39 8.76
CA GLY B 70 6.64 -9.35 8.41
C GLY B 70 7.10 -10.28 7.33
N GLN B 71 8.27 -9.98 6.76
CA GLN B 71 8.78 -10.76 5.61
C GLN B 71 9.49 -12.06 5.93
N PHE B 72 8.73 -12.90 6.61
CA PHE B 72 9.23 -14.11 7.19
C PHE B 72 9.98 -15.04 6.21
N TYR B 73 9.46 -15.11 4.98
CA TYR B 73 10.24 -15.89 4.00
C TYR B 73 11.59 -15.30 3.57
N ASP B 74 11.67 -14.00 3.56
CA ASP B 74 13.03 -13.41 3.45
C ASP B 74 13.81 -13.47 4.76
N LEU B 75 13.17 -13.65 5.90
CA LEU B 75 14.06 -13.74 7.01
C LEU B 75 14.74 -15.12 7.04
N LEU B 76 14.00 -16.09 6.54
CA LEU B 76 14.54 -17.42 6.42
C LEU B 76 15.71 -17.35 5.46
N ASN B 77 15.45 -16.77 4.31
CA ASN B 77 16.55 -16.54 3.33
C ASN B 77 17.71 -15.82 3.99
N ILE B 78 17.49 -14.85 4.83
CA ILE B 78 18.68 -14.31 5.44
C ILE B 78 19.55 -15.43 6.04
N PHE B 79 18.88 -16.17 6.93
CA PHE B 79 19.48 -17.34 7.58
C PHE B 79 20.12 -18.45 6.69
N GLU B 80 19.61 -18.62 5.47
CA GLU B 80 20.34 -19.46 4.61
C GLU B 80 21.56 -18.97 3.97
N LEU B 81 21.57 -17.67 3.53
CA LEU B 81 22.69 -16.99 2.82
C LEU B 81 23.93 -16.94 3.63
N ASN B 82 23.74 -16.63 4.90
CA ASN B 82 24.71 -16.10 5.88
C ASN B 82 24.62 -16.95 7.18
N GLY B 83 23.81 -18.03 7.20
CA GLY B 83 23.98 -18.89 8.37
C GLY B 83 22.86 -18.79 9.42
N LEU B 84 22.63 -19.87 10.17
CA LEU B 84 21.84 -19.76 11.34
C LEU B 84 22.59 -18.93 12.42
N PRO B 85 21.79 -18.41 13.37
CA PRO B 85 22.39 -17.55 14.38
C PRO B 85 23.20 -18.50 15.25
N SER B 86 24.09 -18.09 16.17
CA SER B 86 24.80 -19.02 17.04
C SER B 86 25.88 -18.20 17.65
N GLU B 87 26.65 -18.84 18.54
CA GLU B 87 27.75 -18.03 19.19
C GLU B 87 28.91 -17.66 18.21
N THR B 88 29.02 -18.34 17.06
CA THR B 88 29.95 -17.73 16.18
C THR B 88 29.42 -17.17 14.93
N ASN B 89 28.09 -17.01 14.92
CA ASN B 89 27.49 -16.33 13.87
C ASN B 89 26.45 -15.32 14.46
N PRO B 90 26.89 -14.34 15.34
CA PRO B 90 25.98 -13.45 16.04
C PRO B 90 25.25 -12.44 15.12
N TYR B 91 23.94 -12.08 15.31
CA TYR B 91 23.23 -11.06 14.49
C TYR B 91 22.71 -9.81 15.27
N ILE B 92 22.49 -8.61 14.63
CA ILE B 92 21.69 -7.65 15.28
C ILE B 92 20.46 -7.41 14.43
N PHE B 93 19.25 -7.37 14.98
CA PHE B 93 18.18 -7.02 14.04
C PHE B 93 17.71 -5.65 14.49
N ASN B 94 17.99 -4.65 13.64
CA ASN B 94 17.82 -3.33 14.10
C ASN B 94 16.37 -2.88 14.08
N GLY B 95 15.48 -3.45 14.84
CA GLY B 95 14.07 -3.08 14.78
C GLY B 95 13.23 -3.21 13.53
N ASP B 96 11.97 -2.92 13.71
CA ASP B 96 10.99 -3.03 12.66
C ASP B 96 10.82 -4.41 12.18
N PHE B 97 10.39 -5.25 13.15
CA PHE B 97 10.28 -6.72 12.92
C PHE B 97 8.88 -7.11 12.33
N VAL B 98 7.89 -6.32 12.76
CA VAL B 98 6.54 -6.63 12.42
C VAL B 98 5.84 -5.47 11.63
N ASP B 99 4.54 -5.60 11.44
CA ASP B 99 3.77 -4.65 10.67
C ASP B 99 4.13 -4.85 9.07
N ARG B 100 3.11 -4.60 8.30
CA ARG B 100 3.14 -4.39 6.91
C ARG B 100 3.15 -5.77 6.26
N GLY B 101 4.18 -6.59 6.50
CA GLY B 101 4.19 -7.92 5.84
C GLY B 101 3.31 -8.73 6.70
N SER B 102 2.85 -9.86 6.17
CA SER B 102 1.74 -10.57 6.89
C SER B 102 2.12 -11.79 7.59
N PHE B 103 3.43 -11.96 7.78
CA PHE B 103 3.88 -13.12 8.58
C PHE B 103 4.67 -12.57 9.73
N SER B 104 4.07 -11.59 10.42
CA SER B 104 4.64 -10.79 11.47
C SER B 104 4.80 -11.61 12.68
N VAL B 105 3.72 -12.42 12.89
CA VAL B 105 3.72 -13.38 13.95
C VAL B 105 4.98 -14.35 13.83
N GLU B 106 5.16 -14.88 12.63
CA GLU B 106 6.25 -15.86 12.45
C GLU B 106 7.63 -15.19 12.57
N VAL B 107 7.76 -13.99 12.03
CA VAL B 107 8.98 -13.34 12.21
C VAL B 107 9.38 -13.21 13.78
N ILE B 108 8.46 -12.61 14.60
CA ILE B 108 8.92 -12.14 15.85
C ILE B 108 9.19 -13.29 16.75
N LEU B 109 8.23 -14.25 16.73
CA LEU B 109 8.50 -15.51 17.42
C LEU B 109 9.79 -16.25 16.91
N THR B 110 10.11 -16.30 15.63
CA THR B 110 11.36 -16.86 15.35
C THR B 110 12.49 -16.07 16.02
N LEU B 111 12.39 -14.81 15.81
CA LEU B 111 13.33 -13.91 16.31
C LEU B 111 13.54 -14.04 17.81
N PHE B 112 12.47 -13.89 18.58
CA PHE B 112 12.51 -14.00 19.99
C PHE B 112 12.96 -15.42 20.47
N GLY B 113 12.58 -16.49 19.79
CA GLY B 113 13.25 -17.77 20.08
C GLY B 113 14.83 -17.76 20.02
N PHE B 114 15.33 -17.28 18.87
CA PHE B 114 16.77 -17.17 18.78
C PHE B 114 17.33 -16.22 19.82
N LYS B 115 16.57 -15.23 20.25
CA LYS B 115 16.98 -14.38 21.35
C LYS B 115 17.15 -15.27 22.59
N LEU B 116 16.18 -16.17 22.82
CA LEU B 116 16.24 -17.10 24.02
C LEU B 116 17.43 -18.10 23.93
N LEU B 117 17.73 -18.46 22.69
CA LEU B 117 18.68 -19.54 22.56
C LEU B 117 20.11 -19.10 22.37
N TYR B 118 20.35 -17.82 22.16
CA TYR B 118 21.76 -17.36 22.13
C TYR B 118 21.79 -15.95 22.75
N PRO B 119 21.36 -15.81 23.97
CA PRO B 119 21.11 -14.46 24.47
C PRO B 119 22.37 -13.47 24.46
N ASP B 120 23.58 -13.92 24.07
CA ASP B 120 24.73 -12.96 24.03
C ASP B 120 25.31 -12.69 22.71
N HIS B 121 24.73 -13.39 21.74
CA HIS B 121 25.13 -13.44 20.29
C HIS B 121 23.89 -13.13 19.37
N PHE B 122 22.79 -12.68 19.97
CA PHE B 122 21.65 -12.46 19.21
C PHE B 122 20.98 -11.12 19.57
N HIS B 123 21.02 -10.01 18.87
CA HIS B 123 20.37 -8.88 19.40
C HIS B 123 19.17 -8.35 18.70
N LEU B 124 18.17 -7.92 19.50
CA LEU B 124 17.03 -7.25 18.95
C LEU B 124 17.03 -5.77 19.28
N LEU B 125 16.94 -4.77 18.43
CA LEU B 125 16.77 -3.49 19.05
C LEU B 125 15.46 -2.92 18.70
N ARG B 126 14.95 -1.88 19.41
CA ARG B 126 13.57 -1.51 19.19
C ARG B 126 13.45 -0.75 17.94
N GLY B 127 12.51 -1.18 17.11
CA GLY B 127 12.08 -0.31 15.99
C GLY B 127 10.92 0.64 16.39
N ASN B 128 10.69 1.66 15.53
CA ASN B 128 9.50 2.49 15.70
C ASN B 128 8.18 1.72 15.61
N HIS B 129 8.21 0.50 15.08
CA HIS B 129 7.02 -0.31 14.81
C HIS B 129 6.75 -1.31 16.01
N GLU B 130 7.66 -1.47 16.93
CA GLU B 130 7.35 -2.35 17.97
C GLU B 130 6.73 -1.44 19.05
N THR B 131 5.51 -0.95 18.80
CA THR B 131 4.92 -0.03 19.76
C THR B 131 3.41 -0.20 19.47
N ASP B 132 2.50 0.07 20.44
CA ASP B 132 0.97 -0.04 20.20
C ASP B 132 0.44 0.77 18.98
N ASN B 133 0.92 1.98 18.79
CA ASN B 133 0.35 2.80 17.81
C ASN B 133 0.54 2.21 16.39
N MET B 134 1.80 1.87 16.15
CA MET B 134 2.10 1.47 14.84
C MET B 134 1.35 0.10 14.80
N ASN B 135 1.40 -0.65 15.92
CA ASN B 135 0.79 -1.97 15.79
C ASN B 135 -0.68 -1.83 15.35
N GLN B 136 -1.36 -0.74 15.75
CA GLN B 136 -2.88 -0.69 15.79
C GLN B 136 -3.38 -0.46 14.37
N ILE B 137 -2.50 -0.14 13.45
CA ILE B 137 -2.83 0.38 12.19
C ILE B 137 -2.13 -0.52 11.10
N TYR B 138 -0.95 -1.09 11.35
CA TYR B 138 -0.25 -1.72 10.25
C TYR B 138 -0.18 -3.27 10.12
N GLY B 139 -0.92 -3.98 11.01
CA GLY B 139 -1.12 -5.42 10.77
C GLY B 139 -0.92 -6.12 12.08
N PHE B 140 0.05 -5.68 12.89
CA PHE B 140 0.56 -6.71 13.80
C PHE B 140 -0.51 -7.11 14.73
N GLU B 141 -1.35 -6.11 15.10
CA GLU B 141 -2.11 -6.27 16.31
C GLU B 141 -3.22 -7.05 15.82
N GLY B 142 -3.73 -6.65 14.63
CA GLY B 142 -4.71 -7.43 13.84
C GLY B 142 -4.18 -8.86 13.81
N GLU B 143 -2.93 -9.00 13.44
CA GLU B 143 -2.51 -10.35 12.98
C GLU B 143 -2.45 -11.23 14.23
N VAL B 144 -2.15 -10.66 15.42
CA VAL B 144 -2.17 -11.46 16.64
C VAL B 144 -3.63 -11.93 16.96
N LYS B 145 -4.53 -10.96 16.97
CA LYS B 145 -5.97 -11.22 17.30
C LYS B 145 -6.45 -12.35 16.38
N ALA B 146 -5.95 -12.39 15.13
CA ALA B 146 -6.51 -13.47 14.27
C ALA B 146 -5.83 -14.82 14.62
N LYS B 147 -4.52 -14.80 14.84
CA LYS B 147 -3.82 -16.02 15.16
C LYS B 147 -3.97 -16.35 16.59
N TYR B 148 -3.90 -15.38 17.52
CA TYR B 148 -4.01 -15.74 18.92
C TYR B 148 -5.15 -15.02 19.55
N THR B 149 -4.91 -14.24 20.66
CA THR B 149 -5.96 -13.31 21.25
C THR B 149 -5.46 -11.87 21.73
N ALA B 150 -6.37 -10.95 22.00
CA ALA B 150 -6.06 -9.61 22.56
C ALA B 150 -5.10 -9.77 23.77
N GLN B 151 -5.51 -10.72 24.55
CA GLN B 151 -4.63 -11.14 25.56
C GLN B 151 -3.16 -11.39 25.07
N MET B 152 -2.94 -12.21 24.08
CA MET B 152 -1.62 -12.55 23.61
C MET B 152 -1.02 -11.26 23.06
N TYR B 153 -1.88 -10.38 22.57
CA TYR B 153 -1.27 -9.17 22.05
C TYR B 153 -0.66 -8.31 23.17
N GLU B 154 -1.39 -8.10 24.32
CA GLU B 154 -0.83 -7.21 25.30
C GLU B 154 0.43 -7.85 25.81
N LEU B 155 0.42 -9.15 25.79
CA LEU B 155 1.76 -9.72 26.09
C LEU B 155 2.83 -9.11 25.11
N PHE B 156 2.55 -9.24 23.79
CA PHE B 156 3.55 -8.84 22.86
C PHE B 156 4.12 -7.42 23.23
N SER B 157 3.11 -6.56 23.32
CA SER B 157 3.31 -5.21 23.68
C SER B 157 4.38 -4.98 24.81
N GLU B 158 4.35 -5.75 25.79
CA GLU B 158 4.86 -5.30 27.02
C GLU B 158 6.28 -5.69 26.93
N VAL B 159 6.50 -6.86 26.28
CA VAL B 159 7.83 -7.35 25.93
C VAL B 159 8.49 -6.41 24.96
N PHE B 160 7.80 -5.91 23.99
CA PHE B 160 8.49 -4.91 23.16
C PHE B 160 9.02 -3.85 24.10
N GLU B 161 8.14 -3.41 25.05
CA GLU B 161 8.45 -2.21 25.84
C GLU B 161 9.88 -2.40 26.49
N TRP B 162 10.43 -3.60 26.47
CA TRP B 162 11.67 -3.80 27.11
C TRP B 162 12.86 -3.84 26.07
N LEU B 163 12.54 -3.91 24.82
CA LEU B 163 13.60 -4.04 23.82
C LEU B 163 14.61 -3.00 23.98
N PRO B 164 15.89 -3.29 24.01
CA PRO B 164 16.88 -2.16 24.10
C PRO B 164 16.67 -1.08 22.95
N LEU B 165 16.98 0.22 23.21
CA LEU B 165 17.02 1.20 22.09
C LEU B 165 18.35 1.35 21.15
N ALA B 166 19.52 0.91 21.60
CA ALA B 166 20.72 1.25 20.91
C ALA B 166 21.71 0.23 21.31
N GLN B 167 22.63 -0.05 20.37
CA GLN B 167 23.73 -0.95 20.59
C GLN B 167 24.98 -0.26 20.06
N CYS B 168 26.09 -0.30 20.79
CA CYS B 168 27.37 0.41 20.40
C CYS B 168 28.38 -0.71 20.35
N ILE B 169 29.28 -0.91 19.37
CA ILE B 169 30.19 -2.04 19.41
C ILE B 169 31.68 -1.47 19.57
N ASN B 170 32.49 -1.88 20.59
CA ASN B 170 33.89 -1.35 20.73
C ASN B 170 34.03 0.23 20.83
N GLY B 171 32.86 0.85 21.18
CA GLY B 171 32.58 2.24 21.53
C GLY B 171 32.96 2.89 20.23
N LYS B 172 32.84 2.12 19.12
CA LYS B 172 33.07 2.72 17.74
C LYS B 172 31.84 3.03 16.98
N VAL B 173 30.89 2.14 17.06
CA VAL B 173 29.90 2.12 16.01
C VAL B 173 28.66 2.21 16.84
N LEU B 174 27.65 3.09 16.56
CA LEU B 174 26.41 3.03 17.38
C LEU B 174 25.32 2.51 16.51
N ILE B 175 24.31 1.75 16.94
CA ILE B 175 23.27 1.26 16.01
C ILE B 175 21.89 1.53 16.56
N MET B 176 21.00 2.12 15.76
CA MET B 176 19.68 2.42 16.30
C MET B 176 18.72 2.36 15.16
N HIS B 177 17.44 2.33 15.44
CA HIS B 177 16.58 2.01 14.31
C HIS B 177 16.39 3.27 13.47
N GLY B 178 16.40 4.45 14.11
CA GLY B 178 15.93 5.72 13.49
C GLY B 178 17.15 6.60 13.28
N GLY B 179 17.69 7.20 14.33
CA GLY B 179 18.77 8.05 13.98
C GLY B 179 19.28 8.79 15.13
N LEU B 180 19.83 9.97 14.92
CA LEU B 180 20.16 10.85 16.04
C LEU B 180 19.03 11.75 16.38
N PHE B 181 19.35 12.96 16.87
CA PHE B 181 18.39 13.66 17.85
C PHE B 181 17.92 15.05 17.47
N SER B 182 16.77 15.47 18.03
CA SER B 182 16.33 16.80 17.77
C SER B 182 17.20 17.76 18.72
N GLU B 183 17.95 17.29 19.68
CA GLU B 183 18.69 18.29 20.40
C GLU B 183 20.14 17.88 20.23
N ASP B 184 21.00 18.85 20.18
CA ASP B 184 22.39 18.62 20.29
C ASP B 184 22.89 18.30 21.70
N GLY B 185 24.08 17.70 21.73
CA GLY B 185 24.70 17.43 22.96
C GLY B 185 24.18 16.24 23.68
N VAL B 186 23.55 15.24 23.01
CA VAL B 186 23.12 13.95 23.65
C VAL B 186 24.23 12.86 23.70
N THR B 187 24.36 12.14 24.82
CA THR B 187 25.53 11.25 24.97
C THR B 187 25.25 9.74 25.17
N LEU B 188 26.31 8.95 25.13
CA LEU B 188 26.06 7.51 25.31
C LEU B 188 25.40 7.26 26.71
N ASP B 189 26.11 7.68 27.71
CA ASP B 189 25.40 7.90 28.92
C ASP B 189 23.92 8.28 28.94
N ASP B 190 23.44 9.27 28.16
CA ASP B 190 22.07 9.67 28.21
C ASP B 190 21.12 8.60 27.74
N ILE B 191 21.56 7.86 26.70
CA ILE B 191 20.82 6.76 26.06
C ILE B 191 20.72 5.60 27.10
N ARG B 192 21.83 5.48 27.84
CA ARG B 192 22.03 4.37 28.74
C ARG B 192 20.94 4.73 29.73
N LYS B 193 20.86 5.92 30.27
CA LYS B 193 19.91 6.09 31.36
C LYS B 193 18.44 6.30 30.88
N ILE B 194 18.15 6.31 29.60
CA ILE B 194 16.68 6.35 29.25
C ILE B 194 15.73 5.21 29.79
N GLU B 195 14.70 5.57 30.56
CA GLU B 195 13.82 4.53 30.90
C GLU B 195 12.81 4.14 29.64
N ARG B 196 13.12 2.91 29.13
CA ARG B 196 12.55 2.44 27.86
C ARG B 196 11.27 1.61 27.94
N ASN B 197 11.03 0.95 29.05
CA ASN B 197 9.70 0.39 29.24
C ASN B 197 8.50 1.36 29.25
N ARG B 198 8.15 1.88 28.08
CA ARG B 198 6.86 2.62 27.95
C ARG B 198 6.41 2.59 26.42
N GLN B 199 5.29 3.22 26.12
CA GLN B 199 5.16 3.61 24.76
C GLN B 199 6.15 4.94 24.58
N PRO B 200 6.82 5.06 23.38
CA PRO B 200 7.74 6.12 23.26
C PRO B 200 6.99 7.45 23.43
N PRO B 201 7.67 8.48 23.95
CA PRO B 201 6.91 9.72 24.12
C PRO B 201 6.83 10.50 22.81
N ASP B 202 6.05 11.62 22.86
CA ASP B 202 5.85 12.45 21.68
C ASP B 202 7.06 12.95 21.04
N SER B 203 8.06 13.27 21.85
CA SER B 203 9.24 13.85 21.42
C SER B 203 10.29 13.54 22.59
N GLY B 204 11.58 13.82 22.47
CA GLY B 204 12.55 13.50 23.49
C GLY B 204 13.42 12.47 22.76
N PRO B 205 14.61 12.23 23.33
CA PRO B 205 15.61 11.25 22.82
C PRO B 205 15.05 9.93 22.48
N MET B 206 14.24 9.28 23.32
CA MET B 206 13.56 8.00 22.92
C MET B 206 12.80 8.12 21.65
N CYS B 207 12.11 9.17 21.42
CA CYS B 207 11.29 9.16 20.25
C CYS B 207 12.29 9.31 19.04
N ASP B 208 13.33 10.12 19.26
CA ASP B 208 14.27 10.34 18.17
C ASP B 208 14.77 9.01 17.82
N LEU B 209 15.23 8.23 18.80
CA LEU B 209 16.11 7.16 18.32
C LEU B 209 15.26 6.29 17.44
N LEU B 210 13.98 6.20 17.71
CA LEU B 210 13.29 5.17 16.92
C LEU B 210 12.68 5.82 15.55
N TRP B 211 12.59 7.15 15.55
CA TRP B 211 11.94 7.82 14.46
C TRP B 211 12.67 8.58 13.36
N SER B 212 13.86 9.13 13.59
CA SER B 212 14.26 10.33 12.87
C SER B 212 14.85 9.77 11.62
N ASP B 213 15.22 10.60 10.67
CA ASP B 213 15.93 10.22 9.52
C ASP B 213 17.07 11.23 9.35
N PRO B 214 18.14 10.85 8.60
CA PRO B 214 19.15 11.83 8.19
C PRO B 214 18.55 12.70 6.93
N GLN B 215 19.05 13.93 6.67
CA GLN B 215 18.81 14.55 5.41
C GLN B 215 20.18 14.86 4.93
N PRO B 216 20.36 15.25 3.64
CA PRO B 216 21.71 15.72 3.05
C PRO B 216 22.33 17.15 3.46
N GLN B 217 21.48 18.18 3.60
CA GLN B 217 22.06 19.49 3.89
C GLN B 217 22.14 19.56 5.41
N ASN B 218 23.28 20.09 5.88
CA ASN B 218 23.35 20.70 7.19
C ASN B 218 22.06 21.17 7.85
N GLY B 219 21.93 20.91 9.16
CA GLY B 219 20.83 21.43 10.06
C GLY B 219 19.87 20.38 10.58
N ARG B 220 18.79 20.81 11.14
CA ARG B 220 17.72 19.88 11.42
C ARG B 220 16.50 20.29 10.77
N SER B 221 15.81 19.42 10.09
CA SER B 221 14.36 19.82 9.63
C SER B 221 13.24 19.06 10.37
N ILE B 222 12.01 19.65 10.39
CA ILE B 222 10.75 18.91 10.76
C ILE B 222 10.65 17.69 9.88
N SER B 223 10.31 16.54 10.48
CA SER B 223 10.42 15.28 9.80
C SER B 223 9.18 15.22 8.90
N LYS B 224 9.36 14.80 7.61
CA LYS B 224 8.31 14.47 6.63
C LYS B 224 7.36 13.59 7.44
N ARG B 225 7.73 12.79 8.39
CA ARG B 225 6.67 11.82 8.82
C ARG B 225 5.76 12.32 9.98
N GLY B 226 5.97 13.56 10.38
CA GLY B 226 5.34 14.08 11.50
C GLY B 226 5.86 13.72 12.89
N VAL B 227 7.08 13.16 13.12
CA VAL B 227 7.55 13.19 14.54
C VAL B 227 9.07 13.23 14.61
N SER B 228 9.74 13.63 15.67
CA SER B 228 11.19 13.74 15.53
C SER B 228 11.63 14.62 14.36
N CYS B 229 12.79 14.53 13.80
CA CYS B 229 13.18 15.45 12.76
C CYS B 229 14.05 14.76 11.80
N GLN B 230 14.65 15.58 10.88
CA GLN B 230 15.69 15.05 9.90
C GLN B 230 17.03 15.68 10.22
N PHE B 231 18.07 14.88 10.29
CA PHE B 231 19.27 15.48 10.77
C PHE B 231 20.35 15.48 9.67
N GLY B 232 21.11 16.59 9.71
CA GLY B 232 22.18 16.71 8.72
C GLY B 232 23.56 16.21 9.18
N PRO B 233 24.58 16.42 8.30
CA PRO B 233 25.84 15.78 8.55
C PRO B 233 26.60 16.51 9.55
N ASP B 234 26.33 17.84 9.72
CA ASP B 234 26.86 18.60 10.82
C ASP B 234 26.34 17.94 12.04
N VAL B 235 25.03 17.50 12.13
CA VAL B 235 24.47 16.96 13.43
C VAL B 235 25.26 15.68 13.83
N THR B 236 25.46 14.85 12.75
CA THR B 236 26.04 13.57 12.90
C THR B 236 27.40 13.78 13.43
N LYS B 237 28.20 14.57 12.71
CA LYS B 237 29.58 14.84 13.03
C LYS B 237 29.78 15.33 14.48
N ALA B 238 28.93 16.27 14.92
CA ALA B 238 28.91 16.70 16.35
C ALA B 238 28.71 15.52 17.32
N PHE B 239 27.74 14.67 17.07
CA PHE B 239 27.51 13.56 17.92
C PHE B 239 28.62 12.50 17.94
N LEU B 240 29.15 12.15 16.77
CA LEU B 240 30.30 11.35 16.69
C LEU B 240 31.52 12.05 17.47
N GLU B 241 31.79 13.37 17.33
CA GLU B 241 32.99 13.95 18.07
C GLU B 241 32.76 13.80 19.55
N GLU B 242 31.59 14.25 20.08
CA GLU B 242 31.40 14.17 21.53
C GLU B 242 31.63 12.73 22.01
N ASN B 243 31.08 11.76 21.29
CA ASN B 243 30.80 10.51 22.00
C ASN B 243 31.78 9.58 21.47
N ASN B 244 32.69 10.00 20.59
CA ASN B 244 33.88 9.22 20.39
C ASN B 244 33.67 8.04 19.55
N LEU B 245 32.67 8.21 18.69
CA LEU B 245 32.31 7.26 17.71
C LEU B 245 32.96 7.43 16.23
N ASP B 246 33.13 6.34 15.52
CA ASP B 246 33.41 6.37 14.12
C ASP B 246 32.30 6.58 13.23
N TYR B 247 31.15 5.94 13.46
CA TYR B 247 29.94 6.19 12.60
C TYR B 247 28.72 5.48 13.11
N ILE B 248 27.50 5.79 12.64
CA ILE B 248 26.31 5.11 13.23
C ILE B 248 25.72 4.27 12.19
N ILE B 249 24.91 3.25 12.53
CA ILE B 249 24.22 2.38 11.55
C ILE B 249 22.78 2.40 12.07
N ARG B 250 21.89 2.70 11.11
CA ARG B 250 20.52 2.82 11.33
C ARG B 250 19.84 2.15 10.11
N SER B 251 18.48 2.04 10.27
CA SER B 251 17.53 1.39 9.33
C SER B 251 16.41 2.28 8.97
N HIS B 252 15.14 1.94 9.35
CA HIS B 252 13.93 2.72 9.14
C HIS B 252 13.51 3.18 7.68
N GLU B 253 14.44 3.31 6.74
CA GLU B 253 14.06 3.75 5.37
C GLU B 253 14.28 2.71 4.31
N VAL B 254 13.29 2.45 3.47
CA VAL B 254 13.49 1.52 2.31
C VAL B 254 14.48 2.05 1.31
N LYS B 255 15.23 1.21 0.66
CA LYS B 255 16.39 1.67 -0.12
C LYS B 255 16.62 0.81 -1.41
N ALA B 256 16.93 1.40 -2.55
CA ALA B 256 16.83 0.65 -3.85
C ALA B 256 17.81 -0.43 -3.74
N GLU B 257 19.02 -0.17 -3.25
CA GLU B 257 19.92 -1.24 -3.03
C GLU B 257 19.97 -1.85 -1.67
N GLY B 258 19.11 -1.65 -0.67
CA GLY B 258 19.44 -2.33 0.56
C GLY B 258 20.22 -1.56 1.62
N TYR B 259 20.87 -0.46 1.18
CA TYR B 259 21.74 0.35 2.00
C TYR B 259 21.99 1.56 1.33
N GLU B 260 22.55 2.49 2.07
CA GLU B 260 22.96 3.75 1.66
C GLU B 260 23.97 4.25 2.68
N VAL B 261 25.03 4.97 2.21
CA VAL B 261 25.98 5.55 3.14
C VAL B 261 26.01 7.06 2.95
N ALA B 262 25.36 7.81 3.86
CA ALA B 262 25.20 9.18 3.70
C ALA B 262 26.30 9.91 4.57
N HIS B 263 26.19 11.23 4.71
CA HIS B 263 27.01 12.02 5.63
C HIS B 263 28.44 11.72 5.50
N GLY B 264 28.85 11.74 4.25
CA GLY B 264 30.24 11.36 3.89
C GLY B 264 30.92 10.11 4.44
N GLY B 265 30.12 9.08 4.64
CA GLY B 265 30.64 7.88 5.36
C GLY B 265 30.23 7.76 6.79
N ARG B 266 29.79 8.84 7.46
CA ARG B 266 29.44 8.81 8.94
C ARG B 266 27.99 8.25 9.13
N CYS B 267 27.11 8.25 8.08
CA CYS B 267 25.73 7.68 8.38
C CYS B 267 25.08 6.58 7.46
N VAL B 268 25.26 5.33 7.88
CA VAL B 268 24.80 4.12 7.12
C VAL B 268 23.31 3.67 7.33
N THR B 269 22.61 3.38 6.26
CA THR B 269 21.31 2.73 6.40
C THR B 269 21.42 1.34 5.93
N VAL B 270 20.95 0.45 6.79
CA VAL B 270 20.86 -1.01 6.38
C VAL B 270 19.37 -1.41 6.36
N PHE B 271 18.84 -2.04 5.31
CA PHE B 271 17.33 -2.28 5.32
C PHE B 271 17.06 -3.83 4.95
N SER B 272 16.57 -4.65 5.83
CA SER B 272 16.52 -6.09 5.46
C SER B 272 15.15 -6.63 5.01
N ALA B 273 14.29 -5.80 4.44
CA ALA B 273 13.10 -6.32 3.77
C ALA B 273 13.03 -6.04 2.21
N PRO B 274 13.45 -6.99 1.37
CA PRO B 274 13.45 -6.97 -0.07
C PRO B 274 12.06 -6.96 -0.69
N ASN B 275 12.01 -6.60 -1.99
CA ASN B 275 10.79 -6.17 -2.63
C ASN B 275 9.72 -5.76 -1.53
N TYR B 276 10.13 -4.87 -0.57
CA TYR B 276 9.31 -4.42 0.53
C TYR B 276 7.80 -4.42 0.25
N CYS B 277 6.98 -5.05 1.07
CA CYS B 277 5.54 -4.98 0.91
C CYS B 277 5.09 -5.57 -0.48
N ASP B 278 5.91 -6.43 -1.07
CA ASP B 278 5.50 -7.07 -2.30
C ASP B 278 5.36 -6.05 -3.46
N GLN B 279 5.77 -4.82 -3.26
CA GLN B 279 5.63 -3.83 -4.38
C GLN B 279 6.80 -2.94 -4.76
N MET B 280 7.75 -2.67 -3.85
CA MET B 280 8.73 -1.65 -4.17
C MET B 280 9.83 -2.21 -4.90
N GLY B 281 9.92 -3.48 -5.15
CA GLY B 281 10.92 -3.94 -6.09
C GLY B 281 12.34 -3.85 -5.54
N ASN B 282 12.53 -3.30 -4.31
CA ASN B 282 13.92 -3.02 -3.81
C ASN B 282 14.82 -4.21 -3.54
N LYS B 283 16.11 -4.07 -3.61
CA LYS B 283 16.91 -5.05 -2.89
C LYS B 283 16.92 -4.73 -1.38
N ALA B 284 17.21 -5.74 -0.56
CA ALA B 284 17.66 -5.62 0.85
C ALA B 284 19.11 -5.95 0.98
N SER B 285 19.76 -5.58 2.03
CA SER B 285 21.04 -6.25 2.36
C SER B 285 21.20 -6.55 3.82
N TYR B 286 22.36 -7.02 4.20
CA TYR B 286 22.72 -6.88 5.58
C TYR B 286 24.31 -6.51 5.64
N ILE B 287 24.77 -5.96 6.78
CA ILE B 287 26.16 -5.55 6.85
C ILE B 287 26.84 -6.61 7.65
N HIS B 288 28.11 -7.00 7.32
CA HIS B 288 29.00 -7.78 8.20
C HIS B 288 30.00 -6.76 8.58
N LEU B 289 30.54 -6.86 9.78
CA LEU B 289 31.59 -5.96 10.36
C LEU B 289 32.42 -6.84 11.10
N GLN B 290 33.67 -6.51 11.38
CA GLN B 290 34.47 -7.54 12.10
C GLN B 290 35.47 -6.81 12.87
N GLY B 291 35.98 -7.48 13.93
CA GLY B 291 36.37 -6.77 15.17
C GLY B 291 37.62 -5.95 14.85
N SER B 292 38.37 -6.42 13.85
CA SER B 292 39.61 -5.86 13.62
C SER B 292 39.59 -4.91 12.46
N ASP B 293 38.62 -4.01 12.39
CA ASP B 293 38.28 -3.41 11.07
C ASP B 293 36.73 -3.23 10.90
N LEU B 294 36.21 -2.35 11.74
CA LEU B 294 34.77 -2.15 11.87
C LEU B 294 34.15 -1.38 10.75
N ARG B 295 34.75 -1.43 9.58
CA ARG B 295 34.15 -0.83 8.41
C ARG B 295 33.03 -1.68 7.87
N PRO B 296 31.92 -1.10 7.44
CA PRO B 296 30.80 -1.96 6.84
C PRO B 296 31.13 -2.76 5.53
N GLN B 297 30.72 -4.04 5.40
CA GLN B 297 30.72 -4.84 4.15
C GLN B 297 29.30 -5.18 3.76
N PHE B 298 28.92 -4.88 2.55
CA PHE B 298 27.49 -5.01 2.29
C PHE B 298 27.08 -6.23 1.62
N HIS B 299 26.11 -6.96 2.09
CA HIS B 299 25.87 -8.18 1.42
C HIS B 299 24.44 -8.13 0.95
N GLN B 300 24.20 -8.14 -0.33
CA GLN B 300 22.87 -7.63 -0.86
C GLN B 300 22.04 -8.90 -1.11
N PHE B 301 20.69 -8.81 -1.17
CA PHE B 301 19.92 -9.96 -1.51
C PHE B 301 18.51 -9.56 -1.94
N THR B 302 17.86 -10.49 -2.61
CA THR B 302 16.59 -10.27 -3.10
C THR B 302 15.64 -11.30 -2.59
N ALA B 303 14.35 -11.18 -3.03
CA ALA B 303 13.06 -11.49 -2.31
C ALA B 303 12.81 -12.90 -2.60
N VAL B 304 12.38 -13.77 -1.66
CA VAL B 304 12.01 -15.14 -2.14
C VAL B 304 10.49 -15.27 -2.29
N PRO B 305 10.05 -16.32 -2.95
CA PRO B 305 8.56 -16.60 -2.95
C PRO B 305 8.01 -16.76 -1.56
N HIS B 306 6.74 -16.40 -1.41
CA HIS B 306 6.04 -16.67 -0.21
C HIS B 306 4.62 -17.03 -0.48
N PRO B 307 3.97 -17.65 0.49
CA PRO B 307 2.61 -18.01 0.09
C PRO B 307 1.74 -16.78 0.04
N ASN B 308 0.56 -17.02 -0.51
CA ASN B 308 -0.16 -15.95 -1.17
C ASN B 308 -0.99 -15.36 -0.18
N VAL B 309 -0.31 -14.52 0.59
CA VAL B 309 -0.93 -13.66 1.63
C VAL B 309 -0.60 -12.14 1.36
N LYS B 310 -1.63 -11.26 1.31
CA LYS B 310 -1.38 -9.79 1.01
C LYS B 310 -0.78 -9.02 2.18
N PRO B 311 0.09 -8.03 1.83
CA PRO B 311 0.64 -7.14 2.77
C PRO B 311 -0.54 -6.49 3.36
N MET B 312 -0.43 -6.25 4.68
CA MET B 312 -1.45 -5.50 5.36
C MET B 312 -2.70 -6.28 5.58
N ALA B 313 -2.80 -7.40 4.89
CA ALA B 313 -3.93 -8.30 4.93
C ALA B 313 -4.75 -8.23 6.20
N TYR B 314 -4.04 -8.19 7.40
CA TYR B 314 -4.65 -8.34 8.78
C TYR B 314 -4.95 -6.92 9.43
N ALA B 315 -4.89 -5.86 8.68
CA ALA B 315 -4.98 -4.55 9.29
C ALA B 315 -6.49 -4.14 9.56
#